data_3LCV
#
_entry.id   3LCV
#
_cell.length_a   36.446
_cell.length_b   68.358
_cell.length_c   52.145
_cell.angle_alpha   90.000
_cell.angle_beta   93.210
_cell.angle_gamma   90.000
#
_symmetry.space_group_name_H-M   'P 1 21 1'
#
loop_
_entity.id
_entity.type
_entity.pdbx_description
1 polymer 'Sisomicin-gentamicin resistance methylase Sgm'
2 non-polymer S-ADENOSYLMETHIONINE
3 water water
#
_entity_poly.entity_id   1
_entity_poly.type   'polypeptide(L)'
_entity_poly.pdbx_seq_one_letter_code
;HHHHHHH(MSE)TAPAADDRIDEIERAITKSRRYQTVAPATVRRLARAALVAARGDVPDAVKRTKRGLHEIYGAFLPPSP
PNYAALLRHLDSAVDAGDDEAVRAALLRA(MSE)SVHISTRERLPHLDEFYRELFRHLPRPNTLRDLACGLNPLAAPW
(MSE)GLPAETVYIASDIDARLVGFVDEALTRLNVPHRTNVADLLEDRLDEPADVTLLLKTLPCLETQQRGSGWEVIDIV
NSPNIVVTFPTKSLGQRSKG(MSE)FQNYSQSFESQARERSCRIQRLEIGNELIYVIQK
;
_entity_poly.pdbx_strand_id   B
#
# COMPACT_ATOMS: atom_id res chain seq x y z
N ASP A 15 20.57 21.42 5.49
CA ASP A 15 21.91 20.92 5.95
C ASP A 15 21.74 19.80 6.98
N ARG A 16 20.96 20.07 8.02
CA ARG A 16 20.71 19.08 9.07
C ARG A 16 19.76 18.00 8.57
N ILE A 17 18.99 18.31 7.54
CA ILE A 17 18.07 17.33 6.96
C ILE A 17 18.88 16.28 6.20
N ASP A 18 19.90 16.70 5.48
CA ASP A 18 20.74 15.76 4.75
C ASP A 18 21.40 14.80 5.75
N GLU A 19 21.85 15.36 6.87
CA GLU A 19 22.49 14.58 7.92
C GLU A 19 21.53 13.49 8.41
N ILE A 20 20.29 13.88 8.71
CA ILE A 20 19.27 12.94 9.17
C ILE A 20 19.05 11.89 8.09
N GLU A 21 18.94 12.35 6.85
CA GLU A 21 18.73 11.43 5.74
C GLU A 21 19.85 10.40 5.71
N ARG A 22 21.10 10.85 5.79
CA ARG A 22 22.24 9.93 5.76
C ARG A 22 22.16 8.84 6.83
N ALA A 23 21.68 9.19 8.02
CA ALA A 23 21.54 8.21 9.09
C ALA A 23 20.36 7.29 8.79
N ILE A 24 19.34 7.84 8.14
CA ILE A 24 18.15 7.07 7.79
C ILE A 24 18.42 6.11 6.64
N THR A 25 19.52 6.29 5.92
CA THR A 25 19.84 5.36 4.85
C THR A 25 20.07 4.04 5.60
N LYS A 26 19.42 3.99 6.76
CA LYS A 26 19.38 2.89 7.72
C LYS A 26 19.97 1.59 7.24
N SER A 27 21.11 1.23 7.82
CA SER A 27 21.77 -0.01 7.46
C SER A 27 20.81 -1.17 7.73
N ARG A 28 19.63 -0.85 8.24
CA ARG A 28 18.63 -1.86 8.57
C ARG A 28 17.32 -1.84 7.79
N ARG A 29 16.28 -1.35 8.44
CA ARG A 29 14.92 -1.30 7.90
C ARG A 29 14.56 -0.20 6.90
N TYR A 30 15.31 0.90 6.88
CA TYR A 30 14.91 2.01 6.03
C TYR A 30 15.81 2.51 4.89
N GLN A 31 16.81 1.72 4.50
CA GLN A 31 17.73 2.12 3.46
C GLN A 31 17.12 2.56 2.13
N THR A 32 16.01 1.95 1.73
CA THR A 32 15.41 2.32 0.46
C THR A 32 14.07 3.02 0.51
N VAL A 33 13.72 3.59 1.67
CA VAL A 33 12.44 4.31 1.77
C VAL A 33 12.54 5.54 0.84
N ALA A 34 11.41 5.94 0.27
CA ALA A 34 11.38 7.09 -0.62
C ALA A 34 12.04 8.32 0.01
N PRO A 35 12.99 8.94 -0.71
CA PRO A 35 13.65 10.13 -0.15
C PRO A 35 12.61 11.19 0.20
N ALA A 36 11.56 11.28 -0.61
CA ALA A 36 10.51 12.28 -0.36
C ALA A 36 9.94 12.08 1.04
N THR A 37 9.75 10.83 1.43
CA THR A 37 9.20 10.47 2.73
C THR A 37 10.17 10.73 3.88
N VAL A 38 11.43 10.37 3.70
CA VAL A 38 12.42 10.58 4.75
C VAL A 38 12.56 12.07 5.05
N ARG A 39 12.63 12.87 3.99
CA ARG A 39 12.77 14.31 4.11
C ARG A 39 11.58 14.98 4.79
N ARG A 40 10.37 14.56 4.41
CA ARG A 40 9.17 15.13 5.02
C ARG A 40 9.14 14.81 6.51
N LEU A 41 9.38 13.56 6.86
CA LEU A 41 9.38 13.15 8.26
C LEU A 41 10.55 13.78 9.04
N ALA A 42 11.70 13.92 8.38
CA ALA A 42 12.89 14.50 9.00
C ALA A 42 12.72 15.99 9.32
N ARG A 43 12.07 16.72 8.43
CA ARG A 43 11.85 18.14 8.65
C ARG A 43 11.00 18.36 9.92
N ALA A 44 9.86 17.69 9.98
CA ALA A 44 8.97 17.78 11.14
C ALA A 44 9.67 17.27 12.39
N ALA A 45 10.56 16.30 12.21
CA ALA A 45 11.29 15.71 13.33
C ALA A 45 12.29 16.70 13.92
N LEU A 46 12.92 17.48 13.03
CA LEU A 46 13.90 18.47 13.46
C LEU A 46 13.26 19.58 14.30
N VAL A 47 12.10 20.06 13.84
CA VAL A 47 11.40 21.11 14.57
C VAL A 47 10.93 20.56 15.91
N ALA A 48 10.42 19.33 15.89
CA ALA A 48 9.94 18.66 17.09
C ALA A 48 11.08 18.36 18.05
N ALA A 49 12.27 18.13 17.50
CA ALA A 49 13.44 17.81 18.30
C ALA A 49 14.24 19.02 18.78
N ARG A 50 13.75 20.23 18.52
CA ARG A 50 14.44 21.43 18.98
C ARG A 50 15.83 21.57 18.34
N GLY A 51 15.95 21.12 17.09
CA GLY A 51 17.22 21.22 16.39
C GLY A 51 18.24 20.13 16.67
N ASP A 52 17.94 19.25 17.63
CA ASP A 52 18.87 18.18 17.97
C ASP A 52 18.74 17.05 16.95
N VAL A 53 19.81 16.81 16.18
CA VAL A 53 19.80 15.77 15.16
C VAL A 53 19.61 14.35 15.70
N PRO A 54 20.42 13.93 16.69
CA PRO A 54 20.28 12.58 17.24
C PRO A 54 18.83 12.25 17.58
N ASP A 55 18.18 13.11 18.36
CA ASP A 55 16.79 12.90 18.74
C ASP A 55 15.90 13.01 17.51
N ALA A 56 16.32 13.85 16.56
CA ALA A 56 15.55 14.02 15.33
C ALA A 56 15.60 12.70 14.57
N VAL A 57 16.77 12.06 14.59
CA VAL A 57 16.96 10.78 13.93
C VAL A 57 16.04 9.75 14.59
N LYS A 58 15.98 9.78 15.92
CA LYS A 58 15.14 8.85 16.67
C LYS A 58 13.69 9.03 16.23
N ARG A 59 13.21 10.27 16.26
CA ARG A 59 11.85 10.56 15.87
C ARG A 59 11.52 10.06 14.48
N THR A 60 12.40 10.33 13.53
CA THR A 60 12.19 9.91 12.15
C THR A 60 12.04 8.40 12.07
N LYS A 61 13.00 7.69 12.66
CA LYS A 61 12.99 6.23 12.70
C LYS A 61 11.71 5.68 13.30
N ARG A 62 11.31 6.20 14.44
CA ARG A 62 10.10 5.75 15.10
C ARG A 62 8.89 6.04 14.21
N GLY A 63 8.95 7.16 13.49
CA GLY A 63 7.87 7.51 12.59
C GLY A 63 7.84 6.58 11.39
N LEU A 64 9.01 6.17 10.93
CA LEU A 64 9.08 5.28 9.79
C LEU A 64 8.55 3.90 10.19
N HIS A 65 8.86 3.49 11.42
CA HIS A 65 8.39 2.20 11.91
C HIS A 65 6.88 2.16 11.99
N GLU A 66 6.28 3.26 12.43
CA GLU A 66 4.83 3.32 12.55
C GLU A 66 4.09 3.28 11.23
N ILE A 67 4.68 3.88 10.20
CA ILE A 67 4.03 3.93 8.90
C ILE A 67 4.53 2.89 7.90
N TYR A 68 5.61 2.21 8.23
CA TYR A 68 6.18 1.23 7.30
C TYR A 68 6.87 0.02 7.94
N GLY A 69 7.83 0.29 8.82
CA GLY A 69 8.57 -0.79 9.45
C GLY A 69 7.72 -1.79 10.20
N ALA A 70 6.67 -1.32 10.85
CA ALA A 70 5.81 -2.22 11.63
C ALA A 70 5.22 -3.36 10.80
N PHE A 71 5.10 -3.16 9.50
CA PHE A 71 4.52 -4.18 8.63
C PHE A 71 5.54 -5.08 7.92
N LEU A 72 6.83 -4.82 8.11
CA LEU A 72 7.84 -5.62 7.42
C LEU A 72 8.84 -6.27 8.37
N PRO A 73 9.78 -7.07 7.83
CA PRO A 73 10.78 -7.72 8.67
C PRO A 73 11.80 -6.73 9.23
N PRO A 74 12.58 -7.14 10.24
CA PRO A 74 13.61 -6.30 10.88
C PRO A 74 14.69 -5.91 9.89
N SER A 75 14.92 -6.77 8.92
CA SER A 75 15.94 -6.56 7.90
C SER A 75 15.21 -6.73 6.57
N PRO A 76 15.80 -6.25 5.46
CA PRO A 76 15.14 -6.40 4.17
C PRO A 76 14.67 -7.83 3.91
N PRO A 77 13.47 -7.99 3.34
CA PRO A 77 12.96 -9.33 3.07
C PRO A 77 13.88 -10.03 2.07
N ASN A 78 13.91 -11.36 2.09
CA ASN A 78 14.74 -12.09 1.14
C ASN A 78 13.91 -12.20 -0.14
N TYR A 79 13.84 -11.08 -0.86
CA TYR A 79 13.09 -11.02 -2.09
C TYR A 79 13.65 -11.95 -3.18
N ALA A 80 14.96 -12.19 -3.14
CA ALA A 80 15.58 -13.07 -4.15
C ALA A 80 15.05 -14.49 -4.04
N ALA A 81 14.84 -14.97 -2.83
CA ALA A 81 14.30 -16.31 -2.62
C ALA A 81 12.86 -16.35 -3.10
N LEU A 82 12.08 -15.34 -2.71
CA LEU A 82 10.68 -15.26 -3.11
C LEU A 82 10.54 -15.31 -4.64
N LEU A 83 11.34 -14.51 -5.34
CA LEU A 83 11.30 -14.49 -6.80
C LEU A 83 11.72 -15.86 -7.34
N ARG A 84 12.79 -16.42 -6.76
CA ARG A 84 13.27 -17.73 -7.21
C ARG A 84 12.12 -18.70 -7.26
N HIS A 85 11.36 -18.77 -6.16
CA HIS A 85 10.23 -19.68 -6.08
C HIS A 85 9.18 -19.35 -7.13
N LEU A 86 8.96 -18.06 -7.38
CA LEU A 86 7.98 -17.66 -8.38
C LEU A 86 8.44 -18.14 -9.75
N ASP A 87 9.73 -17.92 -10.05
CA ASP A 87 10.29 -18.33 -11.34
C ASP A 87 10.10 -19.82 -11.58
N SER A 88 10.39 -20.62 -10.56
CA SER A 88 10.25 -22.07 -10.65
C SER A 88 8.82 -22.47 -11.05
N ALA A 89 7.84 -21.84 -10.40
CA ALA A 89 6.44 -22.14 -10.69
C ALA A 89 6.09 -21.75 -12.11
N VAL A 90 6.41 -20.52 -12.47
CA VAL A 90 6.14 -20.00 -13.82
C VAL A 90 6.91 -20.77 -14.89
N ASP A 91 8.20 -20.96 -14.67
CA ASP A 91 9.05 -21.68 -15.62
C ASP A 91 8.63 -23.13 -15.78
N ALA A 92 7.70 -23.58 -14.94
CA ALA A 92 7.20 -24.96 -14.98
C ALA A 92 5.77 -24.99 -15.50
N GLY A 93 5.19 -23.81 -15.70
CA GLY A 93 3.81 -23.73 -16.17
C GLY A 93 2.82 -24.38 -15.24
N ASP A 94 3.12 -24.37 -13.94
CA ASP A 94 2.22 -24.96 -12.96
C ASP A 94 1.49 -23.88 -12.17
N ASP A 95 0.22 -23.67 -12.51
CA ASP A 95 -0.61 -22.67 -11.86
C ASP A 95 -0.67 -22.80 -10.35
N GLU A 96 -0.73 -24.02 -9.84
CA GLU A 96 -0.78 -24.26 -8.41
C GLU A 96 0.46 -23.71 -7.71
N ALA A 97 1.62 -23.99 -8.28
CA ALA A 97 2.87 -23.53 -7.69
C ALA A 97 2.97 -22.01 -7.70
N VAL A 98 2.52 -21.39 -8.80
CA VAL A 98 2.55 -19.93 -8.90
C VAL A 98 1.74 -19.33 -7.76
N ARG A 99 0.51 -19.80 -7.61
CA ARG A 99 -0.38 -19.33 -6.56
C ARG A 99 0.28 -19.49 -5.18
N ALA A 100 0.88 -20.66 -4.96
CA ALA A 100 1.53 -20.94 -3.69
C ALA A 100 2.68 -19.98 -3.45
N ALA A 101 3.52 -19.80 -4.47
CA ALA A 101 4.66 -18.90 -4.37
C ALA A 101 4.20 -17.47 -4.10
N LEU A 102 3.04 -17.10 -4.65
CA LEU A 102 2.52 -15.74 -4.46
C LEU A 102 1.97 -15.55 -3.06
N LEU A 103 1.35 -16.59 -2.51
CA LEU A 103 0.80 -16.53 -1.16
C LEU A 103 1.93 -16.45 -0.15
N ARG A 104 2.98 -17.22 -0.39
CA ARG A 104 4.14 -17.23 0.49
C ARG A 104 4.77 -15.85 0.51
N ALA A 105 4.96 -15.27 -0.68
CA ALA A 105 5.56 -13.94 -0.80
C ALA A 105 4.74 -12.90 -0.06
N SER A 107 2.79 -13.15 2.32
CA SER A 107 2.81 -13.36 3.77
C SER A 107 3.93 -12.63 4.48
N VAL A 108 4.95 -12.19 3.75
CA VAL A 108 6.05 -11.48 4.40
C VAL A 108 5.62 -10.10 4.88
N HIS A 109 4.67 -9.49 4.18
CA HIS A 109 4.16 -8.18 4.57
C HIS A 109 2.94 -8.45 5.45
N ILE A 110 2.99 -7.96 6.69
CA ILE A 110 1.91 -8.18 7.64
C ILE A 110 0.51 -7.90 7.12
N SER A 111 0.32 -6.77 6.43
CA SER A 111 -1.01 -6.42 5.90
C SER A 111 -1.61 -7.42 4.92
N THR A 112 -0.83 -7.82 3.91
CA THR A 112 -1.34 -8.80 2.95
C THR A 112 -1.53 -10.13 3.66
N ARG A 113 -0.68 -10.39 4.65
CA ARG A 113 -0.76 -11.64 5.39
C ARG A 113 -2.12 -11.78 6.04
N GLU A 114 -2.63 -10.69 6.61
CA GLU A 114 -3.93 -10.69 7.27
C GLU A 114 -5.11 -11.00 6.35
N ARG A 115 -4.95 -10.72 5.07
CA ARG A 115 -6.06 -10.94 4.14
C ARG A 115 -6.04 -12.29 3.42
N LEU A 116 -4.89 -12.97 3.43
CA LEU A 116 -4.77 -14.27 2.75
C LEU A 116 -5.83 -15.31 3.11
N PRO A 117 -6.26 -15.39 4.38
CA PRO A 117 -7.28 -16.36 4.75
C PRO A 117 -8.64 -16.19 4.05
N HIS A 118 -8.87 -15.01 3.47
CA HIS A 118 -10.13 -14.71 2.79
C HIS A 118 -9.87 -14.07 1.43
N LEU A 119 -8.66 -14.27 0.91
CA LEU A 119 -8.26 -13.67 -0.36
C LEU A 119 -9.22 -13.88 -1.54
N ASP A 120 -9.63 -15.11 -1.82
CA ASP A 120 -10.50 -15.36 -2.97
C ASP A 120 -11.85 -14.70 -2.79
N GLU A 121 -12.45 -14.85 -1.61
CA GLU A 121 -13.74 -14.25 -1.32
C GLU A 121 -13.65 -12.72 -1.46
N PHE A 122 -12.58 -12.15 -0.93
CA PHE A 122 -12.37 -10.70 -0.96
C PHE A 122 -12.44 -10.11 -2.37
N TYR A 123 -11.61 -10.62 -3.27
CA TYR A 123 -11.61 -10.10 -4.63
C TYR A 123 -12.77 -10.53 -5.49
N ARG A 124 -13.33 -11.71 -5.23
CA ARG A 124 -14.46 -12.15 -6.03
C ARG A 124 -15.64 -11.21 -5.77
N GLU A 125 -15.85 -10.89 -4.48
CA GLU A 125 -16.93 -10.01 -4.09
C GLU A 125 -16.67 -8.57 -4.51
N LEU A 126 -15.44 -8.10 -4.29
CA LEU A 126 -15.07 -6.74 -4.63
C LEU A 126 -15.36 -6.37 -6.09
N PHE A 127 -14.91 -7.20 -7.02
CA PHE A 127 -15.11 -6.87 -8.42
C PHE A 127 -16.52 -7.04 -8.93
N ARG A 128 -17.40 -7.57 -8.09
CA ARG A 128 -18.82 -7.68 -8.46
C ARG A 128 -19.43 -6.29 -8.28
N HIS A 129 -18.76 -5.45 -7.49
CA HIS A 129 -19.27 -4.10 -7.23
C HIS A 129 -18.47 -3.04 -7.96
N LEU A 130 -17.68 -3.48 -8.92
CA LEU A 130 -16.86 -2.59 -9.72
C LEU A 130 -17.02 -2.91 -11.19
N PRO A 131 -16.79 -1.92 -12.06
CA PRO A 131 -16.91 -2.12 -13.51
C PRO A 131 -15.65 -2.86 -13.94
N ARG A 132 -15.64 -3.35 -15.18
CA ARG A 132 -14.46 -4.03 -15.70
C ARG A 132 -13.42 -2.92 -15.89
N PRO A 133 -12.31 -2.97 -15.14
CA PRO A 133 -11.29 -1.93 -15.23
C PRO A 133 -10.30 -1.97 -16.40
N ASN A 134 -10.01 -0.79 -16.94
CA ASN A 134 -9.03 -0.67 -18.02
C ASN A 134 -7.70 -0.39 -17.36
N THR A 135 -7.76 0.29 -16.22
CA THR A 135 -6.56 0.61 -15.45
C THR A 135 -6.91 0.50 -13.95
N LEU A 136 -6.07 -0.21 -13.20
CA LEU A 136 -6.27 -0.41 -11.77
C LEU A 136 -5.08 0.22 -11.04
N ARG A 137 -5.37 1.15 -10.15
CA ARG A 137 -4.35 1.83 -9.38
C ARG A 137 -4.42 1.34 -7.94
N ASP A 138 -3.27 0.91 -7.43
CA ASP A 138 -3.13 0.39 -6.07
C ASP A 138 -2.14 1.28 -5.31
N LEU A 139 -2.65 2.14 -4.45
CA LEU A 139 -1.81 3.07 -3.68
C LEU A 139 -1.38 2.46 -2.33
N ALA A 140 -0.19 2.82 -1.84
CA ALA A 140 0.32 2.27 -0.59
C ALA A 140 0.09 0.76 -0.71
N CYS A 141 0.37 0.24 -1.90
CA CYS A 141 0.10 -1.15 -2.25
C CYS A 141 0.62 -2.31 -1.40
N GLY A 142 1.77 -2.16 -0.76
CA GLY A 142 2.29 -3.28 0.01
C GLY A 142 2.51 -4.43 -0.96
N LEU A 143 2.18 -5.66 -0.57
CA LEU A 143 2.38 -6.79 -1.48
C LEU A 143 1.10 -7.25 -2.17
N ASN A 144 0.05 -6.44 -2.06
CA ASN A 144 -1.26 -6.74 -2.64
C ASN A 144 -1.28 -7.00 -4.16
N PRO A 145 -0.43 -6.31 -4.94
CA PRO A 145 -0.44 -6.57 -6.39
C PRO A 145 -0.17 -8.03 -6.74
N LEU A 146 0.48 -8.74 -5.83
CA LEU A 146 0.77 -10.15 -6.06
C LEU A 146 -0.55 -10.95 -6.11
N ALA A 147 -1.62 -10.36 -5.60
CA ALA A 147 -2.92 -11.02 -5.70
C ALA A 147 -3.18 -10.64 -7.16
N ALA A 148 -4.42 -10.59 -7.61
CA ALA A 148 -4.65 -10.20 -9.03
C ALA A 148 -5.00 -11.45 -9.82
N PRO A 149 -4.19 -12.52 -9.69
CA PRO A 149 -4.60 -13.70 -10.45
C PRO A 149 -5.96 -14.01 -9.85
N TRP A 150 -6.15 -13.53 -8.61
CA TRP A 150 -7.40 -13.70 -7.88
C TRP A 150 -8.41 -12.63 -8.26
N GLY A 152 -9.15 -11.65 -11.46
CA GLY A 152 -9.83 -11.89 -12.72
C GLY A 152 -9.95 -10.63 -13.57
N LEU A 153 -8.86 -9.90 -13.68
CA LEU A 153 -8.82 -8.67 -14.46
C LEU A 153 -8.90 -8.92 -15.95
N PRO A 154 -9.41 -7.94 -16.71
CA PRO A 154 -9.47 -8.17 -18.15
C PRO A 154 -8.00 -8.33 -18.57
N ALA A 155 -7.76 -9.07 -19.64
CA ALA A 155 -6.41 -9.31 -20.10
C ALA A 155 -5.56 -8.07 -20.33
N GLU A 156 -6.17 -7.01 -20.87
CA GLU A 156 -5.45 -5.78 -21.19
C GLU A 156 -5.25 -4.78 -20.03
N THR A 157 -5.98 -4.98 -18.94
CA THR A 157 -5.87 -4.07 -17.80
C THR A 157 -4.45 -3.78 -17.35
N VAL A 158 -4.14 -2.49 -17.18
CA VAL A 158 -2.82 -2.08 -16.72
C VAL A 158 -2.88 -1.83 -15.22
N TYR A 159 -2.00 -2.51 -14.48
CA TYR A 159 -1.94 -2.39 -13.03
C TYR A 159 -0.93 -1.32 -12.66
N ILE A 160 -1.38 -0.25 -12.01
CA ILE A 160 -0.48 0.82 -11.61
C ILE A 160 -0.37 0.73 -10.08
N ALA A 161 0.82 0.36 -9.60
CA ALA A 161 1.05 0.20 -8.16
C ALA A 161 2.16 1.09 -7.62
N SER A 162 1.97 1.55 -6.39
CA SER A 162 2.97 2.41 -5.77
C SER A 162 2.96 2.28 -4.26
N ASP A 163 4.11 2.55 -3.66
CA ASP A 163 4.28 2.50 -2.23
C ASP A 163 5.50 3.35 -1.89
N ILE A 164 5.91 3.30 -0.63
CA ILE A 164 7.03 4.11 -0.13
C ILE A 164 8.43 3.46 -0.01
N ASP A 165 8.60 2.25 -0.52
CA ASP A 165 9.92 1.61 -0.45
C ASP A 165 10.34 1.08 -1.83
N ALA A 166 11.50 1.53 -2.31
CA ALA A 166 11.99 1.11 -3.63
C ALA A 166 12.15 -0.39 -3.84
N ARG A 167 12.70 -1.09 -2.85
CA ARG A 167 12.90 -2.54 -2.98
C ARG A 167 11.59 -3.30 -3.00
N LEU A 168 10.67 -2.91 -2.11
CA LEU A 168 9.35 -3.55 -2.07
C LEU A 168 8.66 -3.33 -3.42
N VAL A 169 8.63 -2.09 -3.89
CA VAL A 169 8.00 -1.78 -5.17
C VAL A 169 8.69 -2.49 -6.33
N GLY A 170 10.03 -2.59 -6.25
CA GLY A 170 10.79 -3.26 -7.28
C GLY A 170 10.42 -4.73 -7.36
N PHE A 171 10.19 -5.33 -6.20
CA PHE A 171 9.79 -6.74 -6.13
C PHE A 171 8.38 -6.93 -6.68
N VAL A 172 7.52 -5.96 -6.44
CA VAL A 172 6.15 -6.02 -6.95
C VAL A 172 6.20 -5.96 -8.46
N ASP A 173 7.10 -5.12 -8.99
CA ASP A 173 7.24 -4.96 -10.42
C ASP A 173 7.71 -6.26 -11.06
N GLU A 174 8.72 -6.89 -10.46
CA GLU A 174 9.23 -8.15 -10.97
C GLU A 174 8.16 -9.23 -10.93
N ALA A 175 7.36 -9.25 -9.86
CA ALA A 175 6.30 -10.24 -9.73
C ALA A 175 5.26 -10.07 -10.82
N LEU A 176 4.86 -8.83 -11.08
CA LEU A 176 3.88 -8.55 -12.12
C LEU A 176 4.44 -8.91 -13.49
N THR A 177 5.74 -8.69 -13.68
CA THR A 177 6.38 -9.04 -14.95
C THR A 177 6.29 -10.56 -15.18
N ARG A 178 6.57 -11.33 -14.12
CA ARG A 178 6.51 -12.78 -14.20
C ARG A 178 5.09 -13.29 -14.44
N LEU A 179 4.11 -12.55 -13.92
CA LEU A 179 2.71 -12.93 -14.11
C LEU A 179 2.16 -12.37 -15.42
N ASN A 180 3.02 -11.71 -16.19
CA ASN A 180 2.62 -11.14 -17.47
C ASN A 180 1.45 -10.17 -17.35
N VAL A 181 1.44 -9.38 -16.28
CA VAL A 181 0.38 -8.41 -16.07
C VAL A 181 0.89 -7.03 -16.49
N PRO A 182 0.24 -6.41 -17.50
CA PRO A 182 0.65 -5.09 -17.97
C PRO A 182 0.71 -4.17 -16.75
N HIS A 183 1.82 -3.48 -16.53
CA HIS A 183 1.93 -2.65 -15.34
C HIS A 183 2.91 -1.49 -15.41
N ARG A 184 2.81 -0.63 -14.40
CA ARG A 184 3.65 0.55 -14.26
C ARG A 184 3.77 0.70 -12.74
N THR A 185 5.00 0.72 -12.24
CA THR A 185 5.23 0.81 -10.80
C THR A 185 6.05 2.06 -10.44
N ASN A 186 5.72 2.70 -9.31
CA ASN A 186 6.42 3.91 -8.87
C ASN A 186 6.54 3.99 -7.36
N VAL A 187 7.51 4.78 -6.90
CA VAL A 187 7.73 5.01 -5.47
C VAL A 187 7.02 6.34 -5.24
N ALA A 188 5.86 6.32 -4.60
CA ALA A 188 5.12 7.55 -4.40
C ALA A 188 4.58 7.69 -2.99
N ASP A 189 4.66 8.92 -2.47
CA ASP A 189 4.16 9.24 -1.13
C ASP A 189 2.82 9.98 -1.30
N LEU A 190 1.74 9.33 -0.87
CA LEU A 190 0.39 9.87 -1.01
C LEU A 190 0.19 11.28 -0.49
N LEU A 191 1.07 11.73 0.41
CA LEU A 191 0.94 13.06 0.97
C LEU A 191 1.65 14.14 0.17
N GLU A 192 2.29 13.76 -0.94
CA GLU A 192 2.99 14.72 -1.76
C GLU A 192 2.82 14.50 -3.27
N ASP A 193 3.04 13.28 -3.72
CA ASP A 193 2.96 12.94 -5.13
C ASP A 193 1.60 13.16 -5.80
N ARG A 194 1.61 13.37 -7.11
CA ARG A 194 0.37 13.63 -7.83
C ARG A 194 -0.55 12.43 -7.99
N LEU A 195 -1.85 12.71 -7.99
CA LEU A 195 -2.86 11.67 -8.10
C LEU A 195 -3.84 11.99 -9.23
N ASP A 196 -3.39 12.84 -10.16
CA ASP A 196 -4.22 13.27 -11.29
C ASP A 196 -4.27 12.32 -12.49
N GLU A 197 -3.35 11.36 -12.57
CA GLU A 197 -3.37 10.41 -13.70
C GLU A 197 -4.72 9.70 -13.71
N PRO A 198 -5.33 9.55 -14.88
CA PRO A 198 -6.64 8.86 -14.89
C PRO A 198 -6.51 7.38 -14.57
N ALA A 199 -7.52 6.83 -13.88
CA ALA A 199 -7.55 5.41 -13.54
C ALA A 199 -8.98 5.04 -13.17
N ASP A 200 -9.52 4.01 -13.84
CA ASP A 200 -10.89 3.58 -13.58
C ASP A 200 -11.17 3.27 -12.12
N VAL A 201 -10.30 2.48 -11.50
CA VAL A 201 -10.47 2.09 -10.12
C VAL A 201 -9.19 2.32 -9.33
N THR A 202 -9.32 2.84 -8.11
CA THR A 202 -8.17 3.05 -7.24
C THR A 202 -8.40 2.29 -5.93
N LEU A 203 -7.39 1.55 -5.49
CA LEU A 203 -7.50 0.81 -4.25
C LEU A 203 -6.73 1.52 -3.15
N LEU A 204 -7.38 1.69 -2.00
CA LEU A 204 -6.77 2.31 -0.83
C LEU A 204 -7.06 1.34 0.31
N LEU A 205 -6.44 0.17 0.25
CA LEU A 205 -6.66 -0.87 1.23
C LEU A 205 -5.85 -0.61 2.50
N LYS A 206 -6.54 -0.60 3.63
CA LYS A 206 -5.89 -0.38 4.92
C LYS A 206 -4.84 0.71 4.84
N THR A 207 -5.22 1.86 4.30
CA THR A 207 -4.29 2.96 4.16
C THR A 207 -4.62 4.20 5.00
N LEU A 208 -5.88 4.63 4.97
CA LEU A 208 -6.32 5.83 5.70
C LEU A 208 -5.85 6.01 7.14
N PRO A 209 -5.91 4.95 7.97
CA PRO A 209 -5.47 5.10 9.36
C PRO A 209 -4.03 5.58 9.47
N CYS A 210 -3.16 5.06 8.60
CA CYS A 210 -1.76 5.46 8.63
C CYS A 210 -1.58 6.90 8.16
N LEU A 211 -2.30 7.28 7.11
CA LEU A 211 -2.21 8.65 6.59
C LEU A 211 -2.63 9.63 7.69
N GLU A 212 -3.70 9.28 8.39
CA GLU A 212 -4.22 10.12 9.46
C GLU A 212 -3.18 10.34 10.55
N THR A 213 -2.42 9.30 10.85
CA THR A 213 -1.38 9.38 11.86
C THR A 213 -0.25 10.34 11.46
N GLN A 214 0.02 10.40 10.16
CA GLN A 214 1.09 11.25 9.63
C GLN A 214 0.62 12.66 9.31
N GLN A 215 -0.65 12.81 8.97
CA GLN A 215 -1.21 14.10 8.61
C GLN A 215 -2.72 14.09 8.77
N ARG A 216 -3.21 14.73 9.82
CA ARG A 216 -4.63 14.78 10.11
C ARG A 216 -5.44 15.23 8.90
N GLY A 217 -6.56 14.53 8.65
CA GLY A 217 -7.43 14.89 7.55
C GLY A 217 -6.97 14.53 6.15
N SER A 218 -5.75 14.03 6.01
CA SER A 218 -5.21 13.67 4.70
C SER A 218 -5.99 12.55 4.03
N GLY A 219 -6.60 11.68 4.85
CA GLY A 219 -7.36 10.56 4.33
C GLY A 219 -8.39 10.96 3.29
N TRP A 220 -9.33 11.80 3.69
CA TRP A 220 -10.37 12.24 2.77
C TRP A 220 -9.87 13.19 1.70
N GLU A 221 -8.72 13.82 1.96
CA GLU A 221 -8.16 14.73 0.97
C GLU A 221 -7.70 13.89 -0.22
N VAL A 222 -7.12 12.74 0.08
CA VAL A 222 -6.64 11.83 -0.96
C VAL A 222 -7.85 11.30 -1.73
N ILE A 223 -8.87 10.86 -1.01
CA ILE A 223 -10.06 10.33 -1.65
C ILE A 223 -10.66 11.40 -2.58
N ASP A 224 -10.61 12.65 -2.13
CA ASP A 224 -11.16 13.76 -2.91
C ASP A 224 -10.43 14.08 -4.21
N ILE A 225 -9.09 14.14 -4.16
CA ILE A 225 -8.32 14.49 -5.34
C ILE A 225 -8.02 13.35 -6.32
N VAL A 226 -7.81 12.13 -5.80
CA VAL A 226 -7.48 11.00 -6.67
C VAL A 226 -8.41 10.95 -7.88
N ASN A 227 -7.81 11.02 -9.06
CA ASN A 227 -8.57 10.99 -10.30
C ASN A 227 -9.06 9.61 -10.70
N SER A 228 -10.09 9.14 -9.99
CA SER A 228 -10.73 7.85 -10.25
C SER A 228 -12.20 7.98 -9.82
N PRO A 229 -13.12 7.49 -10.66
CA PRO A 229 -14.54 7.57 -10.32
C PRO A 229 -14.95 6.46 -9.34
N ASN A 230 -14.12 5.42 -9.25
CA ASN A 230 -14.35 4.27 -8.38
C ASN A 230 -13.18 4.12 -7.42
N ILE A 231 -13.46 4.11 -6.12
CA ILE A 231 -12.41 3.98 -5.11
C ILE A 231 -12.76 2.97 -4.03
N VAL A 232 -11.79 2.16 -3.64
CA VAL A 232 -12.03 1.18 -2.58
C VAL A 232 -11.20 1.60 -1.38
N VAL A 233 -11.86 1.77 -0.25
CA VAL A 233 -11.17 2.15 0.98
C VAL A 233 -11.48 1.09 2.03
N THR A 234 -10.45 0.48 2.61
CA THR A 234 -10.70 -0.54 3.63
C THR A 234 -10.02 -0.20 4.94
N PHE A 235 -10.49 -0.85 6.00
CA PHE A 235 -9.97 -0.64 7.35
C PHE A 235 -9.81 -2.00 8.01
N PRO A 236 -8.74 -2.18 8.79
CA PRO A 236 -8.58 -3.49 9.44
C PRO A 236 -9.49 -3.49 10.66
N THR A 237 -10.00 -4.66 11.03
CA THR A 237 -10.89 -4.76 12.18
C THR A 237 -10.22 -5.61 13.27
N LYS A 238 -9.03 -6.10 12.94
CA LYS A 238 -8.22 -6.90 13.85
C LYS A 238 -6.81 -7.07 13.28
N GLY A 246 -12.41 -2.60 19.63
CA GLY A 246 -13.55 -1.93 19.00
C GLY A 246 -13.15 -1.18 17.75
N PHE A 248 -13.64 -1.92 14.50
CA PHE A 248 -14.71 -1.78 13.52
C PHE A 248 -15.55 -0.56 13.86
N GLN A 249 -15.90 -0.47 15.14
CA GLN A 249 -16.68 0.62 15.67
C GLN A 249 -16.07 1.97 15.31
N ASN A 250 -14.81 2.14 15.68
CA ASN A 250 -14.10 3.39 15.43
C ASN A 250 -14.05 3.80 13.96
N TYR A 251 -13.53 2.91 13.12
CA TYR A 251 -13.40 3.23 11.71
C TYR A 251 -14.71 3.45 10.96
N SER A 252 -15.67 2.55 11.14
CA SER A 252 -16.95 2.67 10.45
C SER A 252 -17.71 3.94 10.83
N GLN A 253 -17.66 4.30 12.11
CA GLN A 253 -18.35 5.49 12.59
C GLN A 253 -17.81 6.79 12.01
N SER A 254 -16.48 6.93 11.99
CA SER A 254 -15.90 8.15 11.44
C SER A 254 -16.00 8.25 9.92
N PHE A 255 -15.64 7.18 9.22
CA PHE A 255 -15.68 7.19 7.76
C PHE A 255 -17.10 7.46 7.24
N GLU A 256 -18.07 6.73 7.78
CA GLU A 256 -19.45 6.89 7.35
C GLU A 256 -20.03 8.25 7.66
N SER A 257 -19.72 8.80 8.84
CA SER A 257 -20.24 10.12 9.16
C SER A 257 -19.59 11.11 8.21
N GLN A 258 -18.31 10.90 7.92
CA GLN A 258 -17.57 11.77 7.01
C GLN A 258 -18.10 11.64 5.58
N ALA A 259 -18.52 10.44 5.22
CA ALA A 259 -19.06 10.21 3.88
C ALA A 259 -20.43 10.88 3.78
N ARG A 260 -21.27 10.66 4.79
CA ARG A 260 -22.62 11.25 4.80
C ARG A 260 -22.55 12.77 4.79
N GLU A 261 -21.47 13.31 5.33
CA GLU A 261 -21.27 14.75 5.36
C GLU A 261 -21.04 15.29 3.95
N ARG A 262 -20.40 14.48 3.11
CA ARG A 262 -20.08 14.85 1.74
C ARG A 262 -21.06 14.29 0.73
N SER A 263 -22.04 13.53 1.23
CA SER A 263 -23.02 12.90 0.37
C SER A 263 -22.32 12.03 -0.66
N CYS A 264 -21.38 11.21 -0.19
CA CYS A 264 -20.66 10.29 -1.07
C CYS A 264 -21.47 9.02 -1.20
N ARG A 265 -21.61 8.52 -2.41
CA ARG A 265 -22.35 7.27 -2.58
C ARG A 265 -21.39 6.15 -2.24
N ILE A 266 -21.75 5.35 -1.24
CA ILE A 266 -20.89 4.26 -0.79
C ILE A 266 -21.63 2.94 -0.54
N GLN A 267 -20.89 1.86 -0.68
CA GLN A 267 -21.42 0.52 -0.45
C GLN A 267 -20.47 -0.17 0.52
N ARG A 268 -20.99 -0.63 1.65
CA ARG A 268 -20.16 -1.28 2.65
C ARG A 268 -20.18 -2.81 2.63
N LEU A 269 -19.00 -3.40 2.82
CA LEU A 269 -18.86 -4.84 2.88
C LEU A 269 -17.90 -5.16 4.03
N GLU A 270 -17.91 -6.41 4.48
CA GLU A 270 -17.01 -6.85 5.55
C GLU A 270 -16.60 -8.28 5.27
N ILE A 271 -15.34 -8.43 4.89
CA ILE A 271 -14.81 -9.75 4.56
C ILE A 271 -13.56 -10.00 5.40
N GLY A 272 -13.55 -11.13 6.10
CA GLY A 272 -12.40 -11.44 6.93
C GLY A 272 -12.34 -10.40 8.02
N ASN A 273 -11.15 -9.87 8.28
CA ASN A 273 -10.99 -8.85 9.30
C ASN A 273 -10.81 -7.51 8.62
N GLU A 274 -11.58 -7.29 7.55
CA GLU A 274 -11.48 -6.06 6.78
C GLU A 274 -12.83 -5.40 6.49
N LEU A 275 -12.96 -4.15 6.91
CA LEU A 275 -14.15 -3.32 6.68
C LEU A 275 -13.92 -2.70 5.29
N ILE A 276 -14.92 -2.81 4.42
CA ILE A 276 -14.76 -2.32 3.05
C ILE A 276 -15.78 -1.28 2.58
N TYR A 277 -15.29 -0.24 1.91
CA TYR A 277 -16.15 0.81 1.37
C TYR A 277 -15.85 1.04 -0.10
N VAL A 278 -16.85 0.85 -0.95
CA VAL A 278 -16.67 1.08 -2.38
C VAL A 278 -17.35 2.42 -2.65
N ILE A 279 -16.55 3.39 -3.07
CA ILE A 279 -17.00 4.75 -3.35
C ILE A 279 -17.10 5.02 -4.84
N GLN A 280 -18.26 5.53 -5.28
CA GLN A 280 -18.47 5.86 -6.69
C GLN A 280 -18.42 7.38 -6.84
#